data_3M6J
#
_entry.id   3M6J
#
_cell.length_a   51.843
_cell.length_b   58.275
_cell.length_c   93.279
_cell.angle_alpha   90.00
_cell.angle_beta   100.99
_cell.angle_gamma   90.00
#
_symmetry.space_group_name_H-M   'P 1 21 1'
#
loop_
_entity.id
_entity.type
_entity.pdbx_description
1 polymer 'uncharacterized protein'
2 non-polymer 'CHLORIDE ION'
3 water water
#
_entity_poly.entity_id   1
_entity_poly.type   'polypeptide(L)'
_entity_poly.pdbx_seq_one_letter_code
;GHVSDRPAGR(MSE)PLTVHRNVGRWLSEILHASIRDTGVSSRIEFVRRTLHGWVREEYSETELPNAVYRNLYFPVLDAQ
PAHAGSGKIETISECDRLKNLVRNVTDTLVENYPQGLESEALLIALDGVKLELARIRKDIE(MSE)YGDPRKR
;
_entity_poly.pdbx_strand_id   A,B,C,D
#
loop_
_chem_comp.id
_chem_comp.type
_chem_comp.name
_chem_comp.formula
CL non-polymer 'CHLORIDE ION' 'Cl -1'
#
# COMPACT_ATOMS: atom_id res chain seq x y z
N VAL A 3 -0.97 7.94 -8.06
CA VAL A 3 -1.26 6.48 -8.03
C VAL A 3 -1.35 5.96 -6.59
N SER A 4 -0.52 6.51 -5.70
CA SER A 4 -0.56 6.15 -4.29
C SER A 4 -1.88 6.47 -3.56
N ASP A 5 -2.80 7.19 -4.22
CA ASP A 5 -4.05 7.61 -3.56
C ASP A 5 -5.26 6.79 -4.01
N ARG A 6 -5.71 5.90 -3.15
CA ARG A 6 -6.75 4.96 -3.47
C ARG A 6 -7.23 4.44 -2.12
N PRO A 7 -8.32 3.66 -2.08
CA PRO A 7 -8.79 3.28 -0.74
C PRO A 7 -7.85 2.29 -0.05
N ALA A 8 -8.05 2.10 1.23
CA ALA A 8 -7.24 1.16 2.02
C ALA A 8 -7.81 -0.27 1.90
N GLY A 9 -7.91 -0.77 0.69
CA GLY A 9 -8.38 -2.13 0.45
C GLY A 9 -8.16 -2.44 -1.01
N ARG A 10 -8.66 -3.59 -1.44
CA ARG A 10 -8.29 -4.10 -2.75
C ARG A 10 -9.41 -5.00 -3.22
N MSE A 11 -9.60 -5.14 -4.53
CA MSE A 11 -10.54 -6.16 -5.04
C MSE A 11 -9.79 -7.26 -5.73
O MSE A 11 -8.76 -6.98 -6.34
CB MSE A 11 -11.58 -5.57 -6.04
CG MSE A 11 -12.39 -4.46 -5.47
SE MSE A 11 -14.05 -4.12 -6.51
CE MSE A 11 -13.22 -3.53 -8.12
N PRO A 12 -10.29 -8.51 -5.62
CA PRO A 12 -9.71 -9.63 -6.36
C PRO A 12 -9.74 -9.33 -7.84
N LEU A 13 -8.75 -9.84 -8.56
CA LEU A 13 -8.67 -9.59 -9.98
C LEU A 13 -9.93 -10.06 -10.73
N THR A 14 -10.46 -11.23 -10.37
CA THR A 14 -11.69 -11.72 -11.00
C THR A 14 -12.87 -10.78 -10.74
N VAL A 15 -12.87 -10.13 -9.59
CA VAL A 15 -13.92 -9.15 -9.31
C VAL A 15 -13.79 -7.87 -10.14
N HIS A 16 -12.55 -7.36 -10.27
CA HIS A 16 -12.30 -6.24 -11.16
C HIS A 16 -12.81 -6.57 -12.56
N ARG A 17 -12.54 -7.80 -13.01
CA ARG A 17 -12.95 -8.17 -14.35
C ARG A 17 -14.46 -8.13 -14.50
N ASN A 18 -15.17 -8.63 -13.50
CA ASN A 18 -16.64 -8.58 -13.50
C ASN A 18 -17.19 -7.15 -13.51
N VAL A 19 -16.58 -6.29 -12.69
CA VAL A 19 -17.02 -4.88 -12.58
C VAL A 19 -16.76 -4.19 -13.92
N GLY A 20 -15.59 -4.46 -14.49
CA GLY A 20 -15.27 -3.97 -15.86
C GLY A 20 -16.30 -4.34 -16.91
N ARG A 21 -16.71 -5.60 -16.90
N ARG A 21 -16.71 -5.60 -16.90
CA ARG A 21 -17.73 -6.12 -17.79
CA ARG A 21 -17.73 -6.09 -17.81
C ARG A 21 -19.07 -5.38 -17.61
C ARG A 21 -19.08 -5.37 -17.61
N TRP A 22 -19.49 -5.22 -16.35
CA TRP A 22 -20.75 -4.50 -16.04
C TRP A 22 -20.73 -3.04 -16.47
N LEU A 23 -19.62 -2.35 -16.17
CA LEU A 23 -19.45 -0.96 -16.60
C LEU A 23 -19.48 -0.85 -18.12
N SER A 24 -18.82 -1.78 -18.81
CA SER A 24 -18.79 -1.73 -20.28
C SER A 24 -20.18 -1.95 -20.87
N GLU A 25 -20.93 -2.90 -20.27
CA GLU A 25 -22.29 -3.16 -20.71
C GLU A 25 -23.20 -1.92 -20.52
N ILE A 26 -23.11 -1.30 -19.34
CA ILE A 26 -23.87 -0.06 -19.09
C ILE A 26 -23.48 0.96 -20.14
N LEU A 27 -22.18 1.14 -20.34
CA LEU A 27 -21.69 2.15 -21.28
C LEU A 27 -22.19 1.89 -22.70
N HIS A 28 -22.10 0.65 -23.17
CA HIS A 28 -22.56 0.33 -24.51
C HIS A 28 -24.05 0.71 -24.71
N ALA A 29 -24.86 0.56 -23.66
CA ALA A 29 -26.30 0.80 -23.75
C ALA A 29 -26.70 2.27 -23.53
N SER A 30 -25.78 3.08 -23.02
CA SER A 30 -26.13 4.43 -22.55
C SER A 30 -25.17 5.53 -22.93
N ILE A 31 -24.28 5.26 -23.90
N ILE A 31 -24.23 5.26 -23.86
CA ILE A 31 -23.21 6.20 -24.26
CA ILE A 31 -23.23 6.25 -24.21
C ILE A 31 -23.74 7.52 -24.86
C ILE A 31 -23.90 7.59 -24.51
N ARG A 32 -25.01 7.55 -25.25
CA ARG A 32 -25.66 8.77 -25.69
C ARG A 32 -26.49 9.43 -24.59
N ASP A 33 -26.59 8.79 -23.42
CA ASP A 33 -27.25 9.40 -22.27
C ASP A 33 -26.18 10.01 -21.39
N THR A 34 -25.80 11.25 -21.66
CA THR A 34 -24.52 11.73 -21.13
C THR A 34 -24.42 11.85 -19.61
N GLY A 35 -25.55 11.98 -18.92
CA GLY A 35 -25.55 12.02 -17.47
C GLY A 35 -25.16 10.65 -16.90
N VAL A 36 -25.54 9.58 -17.62
CA VAL A 36 -25.15 8.21 -17.26
C VAL A 36 -23.73 7.95 -17.73
N SER A 37 -23.45 8.20 -19.00
CA SER A 37 -22.15 7.74 -19.54
C SER A 37 -20.94 8.45 -18.93
N SER A 38 -21.09 9.75 -18.62
CA SER A 38 -19.97 10.49 -18.04
C SER A 38 -19.63 9.98 -16.61
N ARG A 39 -20.65 9.59 -15.87
CA ARG A 39 -20.47 9.00 -14.53
C ARG A 39 -19.82 7.63 -14.60
N ILE A 40 -20.30 6.83 -15.53
CA ILE A 40 -19.72 5.49 -15.72
C ILE A 40 -18.24 5.56 -16.19
N GLU A 41 -17.94 6.49 -17.08
CA GLU A 41 -16.55 6.68 -17.55
C GLU A 41 -15.62 7.08 -16.41
N PHE A 42 -16.12 7.94 -15.52
CA PHE A 42 -15.39 8.32 -14.32
C PHE A 42 -15.08 7.14 -13.44
N VAL A 43 -16.07 6.25 -13.24
CA VAL A 43 -15.86 5.09 -12.39
C VAL A 43 -14.85 4.13 -13.06
N ARG A 44 -15.03 3.91 -14.37
CA ARG A 44 -14.11 3.02 -15.08
C ARG A 44 -12.66 3.53 -15.02
N ARG A 45 -12.48 4.80 -15.29
CA ARG A 45 -11.15 5.40 -15.29
C ARG A 45 -10.54 5.33 -13.91
N THR A 46 -11.36 5.52 -12.89
CA THR A 46 -10.84 5.49 -11.50
C THR A 46 -10.31 4.11 -11.14
N LEU A 47 -11.14 3.10 -11.38
CA LEU A 47 -10.78 1.74 -11.05
C LEU A 47 -9.58 1.28 -11.90
N HIS A 48 -9.49 1.78 -13.12
CA HIS A 48 -8.41 1.39 -14.01
C HIS A 48 -7.06 1.81 -13.41
N GLY A 49 -7.03 2.99 -12.81
CA GLY A 49 -5.84 3.47 -12.11
C GLY A 49 -5.57 2.65 -10.84
N TRP A 50 -6.61 2.36 -10.07
CA TRP A 50 -6.39 1.64 -8.80
C TRP A 50 -5.87 0.22 -8.99
N VAL A 51 -6.47 -0.49 -9.95
CA VAL A 51 -6.11 -1.91 -10.10
C VAL A 51 -4.61 -2.06 -10.42
N ARG A 52 -4.02 -1.06 -11.10
CA ARG A 52 -2.61 -1.16 -11.47
C ARG A 52 -1.70 -1.21 -10.22
N GLU A 53 -2.13 -0.55 -9.15
CA GLU A 53 -1.35 -0.56 -7.90
C GLU A 53 -1.71 -1.73 -6.99
N GLU A 54 -2.92 -2.27 -7.15
CA GLU A 54 -3.34 -3.41 -6.33
C GLU A 54 -2.65 -4.70 -6.74
N TYR A 55 -2.19 -4.79 -8.00
CA TYR A 55 -1.60 -6.02 -8.54
C TYR A 55 -0.21 -5.75 -9.11
N SER A 56 0.75 -6.65 -8.88
CA SER A 56 2.07 -6.47 -9.45
C SER A 56 2.07 -6.75 -10.96
N GLU A 57 3.13 -6.35 -11.66
CA GLU A 57 3.26 -6.69 -13.09
C GLU A 57 3.38 -8.19 -13.35
N THR A 58 3.80 -9.00 -12.36
CA THR A 58 3.80 -10.46 -12.64
C THR A 58 2.39 -11.08 -12.47
N GLU A 59 1.62 -10.58 -11.51
CA GLU A 59 0.21 -11.02 -11.29
C GLU A 59 -0.71 -10.52 -12.39
N LEU A 60 -0.42 -9.30 -12.86
CA LEU A 60 -1.21 -8.64 -13.89
C LEU A 60 -0.29 -7.95 -14.89
N PRO A 61 0.13 -8.69 -15.94
CA PRO A 61 1.02 -8.14 -16.96
C PRO A 61 0.39 -6.98 -17.68
N ASN A 62 1.24 -6.09 -18.17
CA ASN A 62 0.78 -4.92 -18.88
C ASN A 62 -0.28 -5.20 -19.98
N ALA A 63 -0.03 -6.20 -20.81
CA ALA A 63 -0.99 -6.56 -21.89
C ALA A 63 -2.38 -6.97 -21.35
N VAL A 64 -2.40 -7.71 -20.25
CA VAL A 64 -3.66 -8.09 -19.58
C VAL A 64 -4.32 -6.86 -18.95
N TYR A 65 -3.53 -6.07 -18.22
CA TYR A 65 -4.01 -4.85 -17.60
C TYR A 65 -4.82 -3.92 -18.55
N ARG A 66 -4.23 -3.56 -19.68
CA ARG A 66 -4.85 -2.63 -20.62
C ARG A 66 -6.29 -3.01 -21.04
N ASN A 67 -6.52 -4.32 -21.15
CA ASN A 67 -7.82 -4.91 -21.49
C ASN A 67 -8.85 -5.08 -20.38
N LEU A 68 -8.42 -4.97 -19.13
CA LEU A 68 -9.31 -5.28 -18.00
C LEU A 68 -10.56 -4.39 -17.87
N TYR A 69 -10.38 -3.06 -17.92
CA TYR A 69 -11.50 -2.13 -17.85
C TYR A 69 -11.79 -1.51 -19.21
N PHE A 70 -10.83 -1.63 -20.12
CA PHE A 70 -10.93 -1.04 -21.45
C PHE A 70 -10.69 -2.09 -22.52
N PRO A 71 -11.58 -3.09 -22.66
CA PRO A 71 -12.95 -3.36 -22.24
C PRO A 71 -13.19 -4.25 -21.02
N GLY A 81 -27.19 -1.65 -31.47
CA GLY A 81 -27.86 -0.87 -30.41
C GLY A 81 -27.91 0.61 -30.76
N SER A 82 -28.85 1.34 -30.17
CA SER A 82 -28.94 2.78 -30.44
C SER A 82 -28.00 3.60 -29.55
N GLY A 83 -27.46 2.97 -28.50
CA GLY A 83 -26.65 3.63 -27.49
C GLY A 83 -27.43 4.60 -26.61
N LYS A 84 -28.75 4.42 -26.58
CA LYS A 84 -29.58 5.31 -25.80
C LYS A 84 -30.62 4.46 -25.08
N ILE A 85 -30.92 4.81 -23.84
CA ILE A 85 -31.88 4.05 -23.02
C ILE A 85 -33.27 4.52 -23.41
N GLU A 86 -34.04 3.62 -24.03
CA GLU A 86 -35.36 4.00 -24.54
C GLU A 86 -36.46 2.98 -24.21
N THR A 87 -36.16 1.94 -23.44
CA THR A 87 -37.19 0.97 -23.04
C THR A 87 -37.15 0.71 -21.56
N ILE A 88 -38.29 0.29 -21.02
CA ILE A 88 -38.35 -0.13 -19.62
C ILE A 88 -37.40 -1.29 -19.33
N SER A 89 -37.34 -2.24 -20.26
CA SER A 89 -36.43 -3.35 -20.19
C SER A 89 -35.00 -2.91 -19.97
N GLU A 90 -34.56 -1.92 -20.75
CA GLU A 90 -33.19 -1.42 -20.60
C GLU A 90 -32.98 -0.71 -19.25
N CYS A 91 -33.97 0.06 -18.80
CA CYS A 91 -33.86 0.75 -17.51
C CYS A 91 -33.61 -0.29 -16.39
N ASP A 92 -34.36 -1.38 -16.46
CA ASP A 92 -34.30 -2.47 -15.46
C ASP A 92 -32.97 -3.17 -15.49
N ARG A 93 -32.54 -3.53 -16.69
CA ARG A 93 -31.24 -4.17 -16.87
C ARG A 93 -30.11 -3.32 -16.31
N LEU A 94 -30.07 -2.05 -16.69
CA LEU A 94 -29.02 -1.16 -16.25
C LEU A 94 -29.07 -0.92 -14.75
N LYS A 95 -30.29 -0.82 -14.20
CA LYS A 95 -30.44 -0.59 -12.76
C LYS A 95 -29.81 -1.78 -11.99
N ASN A 96 -30.04 -3.00 -12.49
N ASN A 96 -30.07 -2.99 -12.50
CA ASN A 96 -29.44 -4.16 -11.88
CA ASN A 96 -29.48 -4.20 -11.97
C ASN A 96 -27.91 -4.21 -12.01
C ASN A 96 -27.95 -4.20 -12.03
N LEU A 97 -27.39 -3.82 -13.18
CA LEU A 97 -25.93 -3.78 -13.34
C LEU A 97 -25.31 -2.75 -12.41
N VAL A 98 -25.96 -1.58 -12.30
CA VAL A 98 -25.52 -0.57 -11.32
C VAL A 98 -25.50 -1.12 -9.90
N ARG A 99 -26.57 -1.83 -9.54
CA ARG A 99 -26.63 -2.44 -8.20
C ARG A 99 -25.47 -3.44 -7.98
N ASN A 100 -25.17 -4.24 -9.02
CA ASN A 100 -24.05 -5.17 -8.96
C ASN A 100 -22.74 -4.43 -8.68
N VAL A 101 -22.52 -3.33 -9.39
CA VAL A 101 -21.28 -2.57 -9.24
C VAL A 101 -21.18 -1.97 -7.83
N THR A 102 -22.27 -1.31 -7.40
N THR A 102 -22.26 -1.29 -7.39
CA THR A 102 -22.31 -0.64 -6.11
CA THR A 102 -22.26 -0.64 -6.08
C THR A 102 -22.10 -1.63 -4.96
C THR A 102 -22.08 -1.64 -4.94
N ASP A 103 -22.84 -2.73 -4.96
CA ASP A 103 -22.72 -3.81 -3.96
C ASP A 103 -21.27 -4.35 -3.89
N THR A 104 -20.62 -4.52 -5.04
CA THR A 104 -19.24 -5.03 -5.12
C THR A 104 -18.22 -4.05 -4.55
N LEU A 105 -18.36 -2.77 -4.89
CA LEU A 105 -17.49 -1.77 -4.31
C LEU A 105 -17.53 -1.73 -2.77
N VAL A 106 -18.72 -1.76 -2.19
CA VAL A 106 -18.82 -1.68 -0.72
C VAL A 106 -18.29 -2.93 -0.03
N GLU A 107 -18.32 -4.06 -0.75
CA GLU A 107 -17.81 -5.33 -0.28
C GLU A 107 -16.30 -5.42 -0.24
N ASN A 108 -15.64 -4.49 -0.91
CA ASN A 108 -14.21 -4.58 -1.09
C ASN A 108 -13.44 -3.35 -0.58
N TYR A 109 -14.03 -2.17 -0.71
CA TYR A 109 -13.31 -0.96 -0.29
C TYR A 109 -13.93 -0.30 0.94
N PRO A 110 -13.08 0.13 1.91
CA PRO A 110 -13.66 0.72 3.10
C PRO A 110 -14.25 2.08 2.74
N GLN A 111 -15.08 2.58 3.65
CA GLN A 111 -15.72 3.87 3.51
C GLN A 111 -14.64 4.93 3.59
N GLY A 112 -14.70 5.90 2.69
CA GLY A 112 -13.77 7.05 2.74
C GLY A 112 -14.07 7.90 1.53
N LEU A 113 -13.40 9.05 1.40
CA LEU A 113 -13.64 9.92 0.23
C LEU A 113 -13.34 9.22 -1.07
N GLU A 114 -12.36 8.33 -1.05
CA GLU A 114 -11.89 7.67 -2.28
C GLU A 114 -13.01 6.84 -2.93
N SER A 115 -13.57 5.90 -2.17
CA SER A 115 -14.70 5.11 -2.70
C SER A 115 -16.00 5.94 -2.73
N GLU A 116 -16.13 6.94 -1.86
CA GLU A 116 -17.38 7.71 -1.83
C GLU A 116 -17.64 8.42 -3.16
N ALA A 117 -16.57 8.90 -3.80
CA ALA A 117 -16.70 9.49 -5.13
C ALA A 117 -17.41 8.56 -6.12
N LEU A 118 -17.00 7.29 -6.11
CA LEU A 118 -17.60 6.27 -6.97
C LEU A 118 -19.06 5.99 -6.64
N LEU A 119 -19.37 5.89 -5.35
CA LEU A 119 -20.71 5.56 -4.88
C LEU A 119 -21.67 6.70 -5.22
N ILE A 120 -21.17 7.94 -5.10
CA ILE A 120 -21.96 9.08 -5.55
C ILE A 120 -22.24 9.07 -7.05
N ALA A 121 -21.21 8.88 -7.87
CA ALA A 121 -21.40 8.84 -9.31
C ALA A 121 -22.42 7.75 -9.67
N LEU A 122 -22.35 6.61 -8.97
CA LEU A 122 -23.26 5.48 -9.29
C LEU A 122 -24.66 5.79 -8.84
N ASP A 123 -24.80 6.53 -7.74
CA ASP A 123 -26.12 6.99 -7.31
C ASP A 123 -26.72 7.96 -8.36
N GLY A 124 -25.87 8.85 -8.91
CA GLY A 124 -26.31 9.73 -9.99
C GLY A 124 -26.79 8.99 -11.23
N VAL A 125 -26.13 7.88 -11.55
CA VAL A 125 -26.63 7.04 -12.64
C VAL A 125 -28.07 6.59 -12.35
N LYS A 126 -28.30 6.14 -11.13
CA LYS A 126 -29.65 5.75 -10.71
C LYS A 126 -30.65 6.90 -10.76
N LEU A 127 -30.24 8.10 -10.37
CA LEU A 127 -31.08 9.31 -10.50
C LEU A 127 -31.44 9.50 -11.99
N GLU A 128 -30.48 9.30 -12.87
CA GLU A 128 -30.77 9.44 -14.32
C GLU A 128 -31.65 8.33 -14.88
N LEU A 129 -31.40 7.09 -14.47
CA LEU A 129 -32.28 5.99 -14.87
C LEU A 129 -33.72 6.23 -14.47
N ALA A 130 -33.90 6.78 -13.27
CA ALA A 130 -35.24 7.08 -12.75
C ALA A 130 -35.95 8.14 -13.61
N ARG A 131 -35.24 9.21 -13.99
CA ARG A 131 -35.82 10.26 -14.80
C ARG A 131 -36.21 9.72 -16.18
N ILE A 132 -35.37 8.85 -16.72
CA ILE A 132 -35.57 8.33 -18.09
C ILE A 132 -36.77 7.39 -18.01
N ARG A 133 -36.80 6.56 -16.98
CA ARG A 133 -37.95 5.65 -16.79
C ARG A 133 -39.29 6.39 -16.73
N LYS A 134 -39.32 7.48 -15.98
CA LYS A 134 -40.52 8.30 -15.87
C LYS A 134 -40.93 8.92 -17.21
N ASP A 135 -39.94 9.37 -17.98
CA ASP A 135 -40.22 9.82 -19.35
C ASP A 135 -40.83 8.75 -20.26
N ILE A 136 -40.30 7.53 -20.18
CA ILE A 136 -40.80 6.40 -20.97
C ILE A 136 -42.25 6.09 -20.54
N GLU A 137 -42.48 6.05 -19.22
CA GLU A 137 -43.82 5.70 -18.73
C GLU A 137 -44.87 6.74 -19.11
N MSE A 138 -44.54 8.02 -19.00
CA MSE A 138 -45.53 9.03 -19.29
C MSE A 138 -45.67 9.36 -20.77
O MSE A 138 -46.78 9.53 -21.26
CB MSE A 138 -45.28 10.30 -18.49
CG MSE A 138 -46.40 11.35 -18.72
SE MSE A 138 -46.23 12.83 -17.46
CE MSE A 138 -47.05 11.97 -15.87
N TYR A 139 -44.55 9.46 -21.47
CA TYR A 139 -44.55 9.95 -22.84
C TYR A 139 -44.29 8.89 -23.93
N GLY A 140 -44.04 7.66 -23.53
CA GLY A 140 -43.76 6.56 -24.47
C GLY A 140 -45.04 5.85 -24.87
N ASP A 141 -44.90 4.72 -25.54
CA ASP A 141 -46.07 3.99 -26.07
C ASP A 141 -46.94 3.36 -24.98
N PRO A 142 -48.22 3.80 -24.83
CA PRO A 142 -49.14 3.28 -23.80
C PRO A 142 -49.51 1.79 -23.93
N ARG A 143 -49.40 1.22 -25.13
CA ARG A 143 -49.45 -0.24 -25.28
C ARG A 143 -48.05 -0.81 -25.52
N PRO B 7 1.15 17.97 -9.95
CA PRO B 7 0.73 19.13 -9.14
C PRO B 7 -0.79 19.32 -9.21
N ALA B 8 -1.43 19.42 -8.04
CA ALA B 8 -2.89 19.41 -7.97
C ALA B 8 -3.56 20.72 -8.42
N GLY B 9 -2.85 21.83 -8.37
CA GLY B 9 -3.48 23.13 -8.54
C GLY B 9 -3.93 23.64 -7.17
N ARG B 10 -4.42 24.88 -7.14
CA ARG B 10 -4.61 25.58 -5.87
C ARG B 10 -5.64 26.67 -6.08
N MSE B 11 -6.48 26.93 -5.07
CA MSE B 11 -7.37 28.11 -5.07
C MSE B 11 -6.94 29.08 -4.01
O MSE B 11 -6.46 28.65 -2.96
CB MSE B 11 -8.81 27.73 -4.73
CG MSE B 11 -9.56 27.16 -5.84
SE MSE B 11 -11.47 27.11 -5.51
CE MSE B 11 -11.52 26.30 -3.83
N PRO B 12 -7.13 30.39 -4.24
CA PRO B 12 -6.74 31.36 -3.23
C PRO B 12 -7.59 31.15 -1.95
N LEU B 13 -7.03 31.48 -0.79
CA LEU B 13 -7.79 31.35 0.49
C LEU B 13 -9.12 32.10 0.52
N THR B 14 -9.16 33.32 -0.04
CA THR B 14 -10.43 34.07 -0.08
C THR B 14 -11.47 33.33 -0.91
N VAL B 15 -11.01 32.64 -1.95
CA VAL B 15 -11.92 31.89 -2.81
C VAL B 15 -12.41 30.61 -2.11
N HIS B 16 -11.50 29.88 -1.44
CA HIS B 16 -11.93 28.79 -0.55
C HIS B 16 -12.96 29.28 0.44
N ARG B 17 -12.74 30.48 1.02
CA ARG B 17 -13.67 30.98 1.99
C ARG B 17 -15.07 31.16 1.37
N ASN B 18 -15.11 31.77 0.19
CA ASN B 18 -16.38 31.97 -0.51
C ASN B 18 -17.05 30.65 -0.86
N VAL B 19 -16.27 29.66 -1.32
CA VAL B 19 -16.84 28.36 -1.66
C VAL B 19 -17.42 27.68 -0.41
N GLY B 20 -16.67 27.71 0.70
CA GLY B 20 -17.17 27.17 1.97
C GLY B 20 -18.49 27.78 2.43
N ARG B 21 -18.64 29.09 2.23
CA ARG B 21 -19.87 29.80 2.61
C ARG B 21 -21.05 29.34 1.73
N TRP B 22 -20.80 29.21 0.43
CA TRP B 22 -21.86 28.77 -0.47
C TRP B 22 -22.27 27.35 -0.16
N LEU B 23 -21.29 26.48 0.16
CA LEU B 23 -21.63 25.07 0.46
C LEU B 23 -22.47 24.99 1.74
N SER B 24 -22.09 25.80 2.72
CA SER B 24 -22.87 25.84 3.98
C SER B 24 -24.27 26.37 3.75
N GLU B 25 -24.42 27.38 2.89
CA GLU B 25 -25.77 27.88 2.58
C GLU B 25 -26.62 26.77 1.93
N ILE B 26 -26.06 26.04 0.98
CA ILE B 26 -26.80 24.92 0.36
C ILE B 26 -27.18 23.84 1.42
N LEU B 27 -26.23 23.50 2.30
CA LEU B 27 -26.52 22.56 3.37
C LEU B 27 -27.65 23.01 4.28
N HIS B 28 -27.62 24.27 4.71
CA HIS B 28 -28.66 24.85 5.60
C HIS B 28 -30.06 24.73 4.94
N ALA B 29 -30.11 24.72 3.61
CA ALA B 29 -31.37 24.68 2.90
C ALA B 29 -31.83 23.25 2.55
N SER B 30 -30.97 22.25 2.80
CA SER B 30 -31.17 20.90 2.28
C SER B 30 -31.07 19.80 3.33
N ILE B 31 -31.18 20.17 4.60
CA ILE B 31 -31.16 19.21 5.71
C ILE B 31 -32.14 18.03 5.52
N ARG B 32 -33.26 18.27 4.87
CA ARG B 32 -34.22 17.21 4.66
C ARG B 32 -34.16 16.59 3.24
N ASP B 33 -33.15 16.96 2.46
CA ASP B 33 -33.01 16.41 1.11
C ASP B 33 -31.64 15.77 0.97
N THR B 34 -31.59 14.48 1.29
CA THR B 34 -30.29 13.84 1.47
C THR B 34 -29.50 13.64 0.16
N GLY B 35 -30.20 13.55 -0.98
CA GLY B 35 -29.52 13.50 -2.29
C GLY B 35 -28.66 14.74 -2.45
N VAL B 36 -29.20 15.89 -2.04
CA VAL B 36 -28.46 17.16 -2.13
C VAL B 36 -27.39 17.24 -1.03
N SER B 37 -27.81 16.99 0.19
CA SER B 37 -26.92 17.22 1.33
C SER B 37 -25.74 16.29 1.32
N SER B 38 -25.95 15.02 0.99
CA SER B 38 -24.83 14.09 1.01
C SER B 38 -23.75 14.45 -0.05
N ARG B 39 -24.18 14.94 -1.21
CA ARG B 39 -23.23 15.39 -2.23
C ARG B 39 -22.47 16.68 -1.80
N ILE B 40 -23.17 17.61 -1.20
CA ILE B 40 -22.52 18.82 -0.71
C ILE B 40 -21.51 18.51 0.39
N GLU B 41 -21.83 17.56 1.25
CA GLU B 41 -20.92 17.20 2.33
C GLU B 41 -19.68 16.58 1.79
N PHE B 42 -19.82 15.77 0.75
CA PHE B 42 -18.67 15.19 0.06
C PHE B 42 -17.76 16.28 -0.50
N VAL B 43 -18.35 17.29 -1.14
CA VAL B 43 -17.58 18.37 -1.74
C VAL B 43 -16.87 19.14 -0.61
N ARG B 44 -17.61 19.45 0.44
CA ARG B 44 -17.03 20.16 1.54
C ARG B 44 -15.82 19.41 2.20
N ARG B 45 -16.00 18.11 2.46
CA ARG B 45 -14.96 17.31 3.11
C ARG B 45 -13.75 17.19 2.18
N THR B 46 -13.99 17.01 0.88
CA THR B 46 -12.87 17.00 -0.10
C THR B 46 -12.06 18.29 -0.05
N LEU B 47 -12.75 19.42 -0.18
CA LEU B 47 -12.05 20.69 -0.22
C LEU B 47 -11.34 21.05 1.07
N HIS B 48 -11.94 20.69 2.21
CA HIS B 48 -11.29 20.83 3.51
C HIS B 48 -9.93 20.10 3.50
N GLY B 49 -9.90 18.92 2.88
CA GLY B 49 -8.64 18.16 2.75
C GLY B 49 -7.65 18.87 1.85
N TRP B 50 -8.12 19.35 0.72
CA TRP B 50 -7.22 20.01 -0.26
C TRP B 50 -6.58 21.29 0.26
N VAL B 51 -7.37 22.13 0.92
CA VAL B 51 -6.85 23.42 1.31
C VAL B 51 -5.69 23.30 2.31
N ARG B 52 -5.74 22.29 3.19
CA ARG B 52 -4.64 22.01 4.10
C ARG B 52 -3.34 21.68 3.34
N GLU B 53 -3.49 20.95 2.24
CA GLU B 53 -2.34 20.59 1.40
C GLU B 53 -1.83 21.77 0.57
N GLU B 54 -2.70 22.70 0.22
CA GLU B 54 -2.30 23.81 -0.68
C GLU B 54 -1.54 24.92 0.02
N TYR B 55 -1.66 24.98 1.36
CA TYR B 55 -1.10 26.09 2.14
C TYR B 55 -0.28 25.59 3.31
N SER B 56 0.86 26.24 3.55
CA SER B 56 1.70 25.89 4.71
C SER B 56 1.00 26.27 6.04
N GLU B 57 1.44 25.66 7.15
CA GLU B 57 0.96 26.04 8.49
C GLU B 57 1.29 27.49 8.85
N THR B 58 2.37 28.01 8.28
CA THR B 58 2.73 29.42 8.45
C THR B 58 1.71 30.38 7.81
N GLU B 59 1.28 30.09 6.58
CA GLU B 59 0.30 30.95 5.90
C GLU B 59 -1.11 30.73 6.45
N LEU B 60 -1.40 29.50 6.83
CA LEU B 60 -2.73 29.08 7.25
C LEU B 60 -2.60 28.27 8.52
N PRO B 61 -2.56 28.94 9.68
CA PRO B 61 -2.42 28.22 10.94
C PRO B 61 -3.56 27.24 11.18
N ASN B 62 -3.29 26.16 11.92
CA ASN B 62 -4.35 25.23 12.31
C ASN B 62 -5.68 25.89 12.72
N ALA B 63 -5.64 26.82 13.66
CA ALA B 63 -6.85 27.52 14.15
C ALA B 63 -7.66 28.21 13.05
N VAL B 64 -6.98 28.76 12.06
CA VAL B 64 -7.64 29.44 10.95
C VAL B 64 -8.17 28.40 9.94
N TYR B 65 -7.38 27.34 9.74
CA TYR B 65 -7.75 26.21 8.88
C TYR B 65 -9.04 25.53 9.36
N ARG B 66 -9.02 25.08 10.61
CA ARG B 66 -10.10 24.28 11.20
C ARG B 66 -11.43 25.04 11.28
N ASN B 67 -11.47 26.23 10.70
CA ASN B 67 -12.60 27.14 10.81
C ASN B 67 -12.93 27.76 9.45
N LEU B 68 -12.46 27.14 8.37
CA LEU B 68 -12.60 27.65 6.99
C LEU B 68 -13.72 26.95 6.16
N TYR B 69 -13.79 25.61 6.24
CA TYR B 69 -14.90 24.89 5.61
C TYR B 69 -15.92 24.46 6.63
N PHE B 70 -15.52 24.46 7.90
CA PHE B 70 -16.42 24.13 9.00
C PHE B 70 -16.47 25.29 10.02
N PRO B 71 -16.91 26.48 9.58
CA PRO B 71 -17.10 27.54 10.55
C PRO B 71 -18.14 27.01 11.52
N VAL B 72 -17.69 26.71 12.74
CA VAL B 72 -18.42 25.89 13.72
C VAL B 72 -19.62 26.60 14.32
N GLY B 83 -35.64 23.29 6.20
CA GLY B 83 -34.52 22.58 5.54
C GLY B 83 -35.02 21.72 4.38
N LYS B 84 -36.25 21.98 4.00
CA LYS B 84 -36.90 21.19 2.94
C LYS B 84 -37.04 22.05 1.68
N ILE B 85 -36.50 21.57 0.56
CA ILE B 85 -36.58 22.34 -0.68
C ILE B 85 -37.99 22.14 -1.28
N GLU B 86 -38.82 23.16 -1.22
CA GLU B 86 -40.23 22.99 -1.58
C GLU B 86 -40.85 24.17 -2.34
N THR B 87 -40.01 25.10 -2.79
CA THR B 87 -40.46 26.22 -3.61
C THR B 87 -39.58 26.40 -4.86
N ILE B 88 -40.18 26.99 -5.89
CA ILE B 88 -39.42 27.32 -7.09
C ILE B 88 -38.32 28.32 -6.76
N SER B 89 -38.66 29.34 -5.99
CA SER B 89 -37.64 30.33 -5.60
C SER B 89 -36.43 29.67 -4.93
N GLU B 90 -36.67 28.71 -4.02
CA GLU B 90 -35.57 27.97 -3.43
C GLU B 90 -34.79 27.10 -4.42
N CYS B 91 -35.45 26.41 -5.37
CA CYS B 91 -34.68 25.66 -6.39
C CYS B 91 -33.73 26.58 -7.17
N ASP B 92 -34.23 27.75 -7.54
CA ASP B 92 -33.47 28.72 -8.30
C ASP B 92 -32.29 29.26 -7.50
N ARG B 93 -32.54 29.62 -6.25
CA ARG B 93 -31.49 30.16 -5.40
C ARG B 93 -30.36 29.14 -5.23
N LEU B 94 -30.74 27.90 -4.93
CA LEU B 94 -29.75 26.83 -4.79
C LEU B 94 -29.02 26.51 -6.09
N LYS B 95 -29.75 26.51 -7.21
CA LYS B 95 -29.10 26.27 -8.50
C LYS B 95 -28.03 27.31 -8.73
N ASN B 96 -28.34 28.55 -8.35
CA ASN B 96 -27.38 29.64 -8.57
C ASN B 96 -26.11 29.43 -7.73
N LEU B 97 -26.32 28.98 -6.49
CA LEU B 97 -25.22 28.75 -5.57
C LEU B 97 -24.35 27.62 -6.10
N VAL B 98 -25.00 26.55 -6.56
CA VAL B 98 -24.28 25.43 -7.20
C VAL B 98 -23.47 25.90 -8.41
N ARG B 99 -24.07 26.72 -9.25
CA ARG B 99 -23.35 27.30 -10.39
C ARG B 99 -22.10 28.11 -9.93
N ASN B 100 -22.25 28.95 -8.90
CA ASN B 100 -21.11 29.68 -8.31
C ASN B 100 -19.95 28.75 -7.97
N VAL B 101 -20.27 27.67 -7.24
CA VAL B 101 -19.24 26.71 -6.79
C VAL B 101 -18.60 25.99 -7.98
N THR B 102 -19.45 25.48 -8.87
CA THR B 102 -18.95 24.75 -10.06
C THR B 102 -18.04 25.64 -10.91
N ASP B 103 -18.51 26.83 -11.24
CA ASP B 103 -17.70 27.79 -12.01
C ASP B 103 -16.34 28.04 -11.35
N THR B 104 -16.35 28.24 -10.02
CA THR B 104 -15.11 28.49 -9.29
C THR B 104 -14.14 27.31 -9.36
N LEU B 105 -14.65 26.09 -9.17
CA LEU B 105 -13.79 24.89 -9.26
C LEU B 105 -13.20 24.71 -10.66
N VAL B 106 -14.00 24.97 -11.68
CA VAL B 106 -13.54 24.83 -13.07
C VAL B 106 -12.48 25.88 -13.40
N GLU B 107 -12.62 27.09 -12.84
CA GLU B 107 -11.67 28.18 -13.08
C GLU B 107 -10.31 27.91 -12.42
N ASN B 108 -10.31 27.23 -11.28
CA ASN B 108 -9.12 27.13 -10.44
C ASN B 108 -8.38 25.80 -10.48
N TYR B 109 -9.05 24.72 -10.84
CA TYR B 109 -8.36 23.42 -10.84
C TYR B 109 -8.26 22.83 -12.23
N PRO B 110 -7.17 22.09 -12.52
CA PRO B 110 -7.01 21.42 -13.82
C PRO B 110 -8.04 20.31 -14.03
N GLN B 111 -8.39 20.06 -15.30
CA GLN B 111 -9.21 18.93 -15.69
C GLN B 111 -8.49 17.66 -15.20
N GLY B 112 -9.24 16.75 -14.58
CA GLY B 112 -8.61 15.52 -14.03
C GLY B 112 -9.61 14.77 -13.16
N LEU B 113 -9.32 13.50 -12.82
CA LEU B 113 -10.25 12.74 -11.92
C LEU B 113 -10.49 13.45 -10.61
N GLU B 114 -9.48 14.13 -10.05
CA GLU B 114 -9.68 14.84 -8.77
C GLU B 114 -10.81 15.87 -8.80
N SER B 115 -10.72 16.81 -9.73
CA SER B 115 -11.80 17.78 -9.85
C SER B 115 -13.11 17.16 -10.43
N GLU B 116 -12.98 16.17 -11.31
CA GLU B 116 -14.16 15.54 -11.92
C GLU B 116 -15.13 15.00 -10.88
N ALA B 117 -14.58 14.38 -9.82
CA ALA B 117 -15.40 13.84 -8.74
C ALA B 117 -16.29 14.93 -8.13
N LEU B 118 -15.72 16.11 -7.93
CA LEU B 118 -16.51 17.21 -7.34
C LEU B 118 -17.53 17.74 -8.33
N LEU B 119 -17.14 17.84 -9.61
CA LEU B 119 -18.05 18.38 -10.62
C LEU B 119 -19.23 17.44 -10.86
N ILE B 120 -18.98 16.13 -10.80
CA ILE B 120 -20.06 15.15 -10.92
C ILE B 120 -21.00 15.27 -9.74
N ALA B 121 -20.46 15.38 -8.52
CA ALA B 121 -21.32 15.52 -7.33
C ALA B 121 -22.18 16.76 -7.42
N LEU B 122 -21.58 17.88 -7.85
CA LEU B 122 -22.34 19.13 -8.01
C LEU B 122 -23.42 19.02 -9.11
N ASP B 123 -23.09 18.35 -10.21
CA ASP B 123 -24.08 18.07 -11.26
C ASP B 123 -25.27 17.25 -10.70
N GLY B 124 -24.99 16.26 -9.85
CA GLY B 124 -26.03 15.43 -9.21
C GLY B 124 -26.91 16.31 -8.30
N VAL B 125 -26.32 17.33 -7.70
CA VAL B 125 -27.15 18.29 -6.96
C VAL B 125 -28.11 18.98 -7.91
N LYS B 126 -27.61 19.39 -9.07
CA LYS B 126 -28.52 19.95 -10.07
C LYS B 126 -29.57 18.97 -10.56
N LEU B 127 -29.21 17.69 -10.71
CA LEU B 127 -30.20 16.70 -11.09
C LEU B 127 -31.30 16.62 -10.03
N GLU B 128 -30.94 16.73 -8.76
CA GLU B 128 -31.96 16.69 -7.69
C GLU B 128 -32.84 17.94 -7.68
N LEU B 129 -32.24 19.11 -7.84
CA LEU B 129 -33.01 20.36 -7.91
C LEU B 129 -33.98 20.36 -9.08
N ALA B 130 -33.53 19.86 -10.23
CA ALA B 130 -34.40 19.68 -11.41
C ALA B 130 -35.61 18.76 -11.14
N ARG B 131 -35.40 17.63 -10.45
CA ARG B 131 -36.46 16.68 -10.14
C ARG B 131 -37.48 17.35 -9.19
N ILE B 132 -36.96 18.03 -8.19
CA ILE B 132 -37.79 18.77 -7.24
C ILE B 132 -38.62 19.85 -7.91
N ARG B 133 -37.98 20.68 -8.74
CA ARG B 133 -38.67 21.76 -9.45
C ARG B 133 -39.80 21.19 -10.32
N LYS B 134 -39.50 20.11 -11.03
CA LYS B 134 -40.48 19.45 -11.89
C LYS B 134 -41.70 18.98 -11.07
N ASP B 135 -41.44 18.36 -9.94
CA ASP B 135 -42.51 17.92 -9.03
C ASP B 135 -43.38 19.11 -8.54
N ILE B 136 -42.75 20.22 -8.18
CA ILE B 136 -43.51 21.38 -7.75
C ILE B 136 -44.41 21.90 -8.89
N GLU B 137 -43.82 22.04 -10.08
CA GLU B 137 -44.55 22.60 -11.22
C GLU B 137 -45.77 21.72 -11.54
N MSE B 138 -45.61 20.40 -11.49
CA MSE B 138 -46.71 19.52 -11.91
C MSE B 138 -47.70 19.22 -10.77
O MSE B 138 -48.92 19.24 -10.98
CB MSE B 138 -46.18 18.22 -12.50
CG MSE B 138 -47.36 17.37 -12.96
SE MSE B 138 -46.96 15.90 -14.15
CE MSE B 138 -46.87 16.97 -15.77
N TYR B 139 -47.20 18.93 -9.58
CA TYR B 139 -48.05 18.47 -8.48
C TYR B 139 -48.27 19.49 -7.33
N GLY B 140 -47.72 20.69 -7.49
CA GLY B 140 -47.78 21.70 -6.42
C GLY B 140 -48.77 22.79 -6.78
N ASP B 141 -48.72 23.91 -6.08
CA ASP B 141 -49.70 24.98 -6.31
C ASP B 141 -49.18 25.95 -7.39
N PRO B 142 -50.10 26.40 -8.29
CA PRO B 142 -49.89 27.62 -9.09
C PRO B 142 -49.72 28.88 -8.21
N PRO C 7 20.59 -1.54 21.45
CA PRO C 7 21.41 -2.53 22.14
C PRO C 7 21.57 -2.17 23.64
N ALA C 8 20.50 -2.34 24.41
CA ALA C 8 20.45 -1.83 25.81
C ALA C 8 21.38 -2.56 26.80
N GLY C 9 22.24 -3.43 26.27
CA GLY C 9 23.29 -4.10 27.04
C GLY C 9 24.68 -3.64 26.61
N ARG C 10 25.69 -4.45 26.88
CA ARG C 10 27.05 -3.99 26.77
C ARG C 10 27.98 -5.18 26.89
N MSE C 11 29.15 -5.07 26.28
CA MSE C 11 30.05 -6.19 26.23
C MSE C 11 31.44 -5.70 26.65
O MSE C 11 31.85 -4.61 26.21
CB MSE C 11 30.01 -6.71 24.78
CG MSE C 11 30.65 -8.00 24.51
SE MSE C 11 29.88 -8.81 22.89
CE MSE C 11 30.53 -7.70 21.45
N PRO C 12 32.17 -6.47 27.50
CA PRO C 12 33.51 -6.04 27.93
C PRO C 12 34.45 -5.89 26.74
N LEU C 13 35.43 -5.00 26.85
CA LEU C 13 36.43 -4.84 25.79
C LEU C 13 37.13 -6.14 25.42
N THR C 14 37.45 -6.98 26.41
CA THR C 14 38.13 -8.26 26.11
C THR C 14 37.25 -9.12 25.18
N VAL C 15 35.95 -9.00 25.33
CA VAL C 15 35.01 -9.81 24.57
C VAL C 15 34.79 -9.21 23.16
N HIS C 16 34.66 -7.89 23.07
CA HIS C 16 34.63 -7.24 21.74
C HIS C 16 35.89 -7.63 20.95
N ARG C 17 37.03 -7.67 21.64
CA ARG C 17 38.28 -8.05 20.97
C ARG C 17 38.16 -9.46 20.38
N ASN C 18 37.63 -10.42 21.15
CA ASN C 18 37.45 -11.78 20.66
C ASN C 18 36.53 -11.79 19.45
N VAL C 19 35.43 -11.05 19.52
CA VAL C 19 34.44 -11.03 18.46
C VAL C 19 35.03 -10.45 17.19
N GLY C 20 35.80 -9.36 17.32
CA GLY C 20 36.56 -8.76 16.21
C GLY C 20 37.45 -9.79 15.51
N ARG C 21 38.11 -10.60 16.32
CA ARG C 21 39.02 -11.61 15.80
C ARG C 21 38.28 -12.70 15.05
N TRP C 22 37.19 -13.22 15.64
CA TRP C 22 36.40 -14.27 15.01
C TRP C 22 35.80 -13.80 13.68
N LEU C 23 35.23 -12.61 13.67
CA LEU C 23 34.69 -12.03 12.45
C LEU C 23 35.77 -11.87 11.39
N SER C 24 36.96 -11.38 11.79
CA SER C 24 38.07 -11.24 10.84
C SER C 24 38.49 -12.60 10.28
N GLU C 25 38.51 -13.63 11.12
CA GLU C 25 38.87 -15.00 10.63
C GLU C 25 37.92 -15.51 9.55
N ILE C 26 36.61 -15.30 9.78
CA ILE C 26 35.62 -15.71 8.84
C ILE C 26 35.82 -14.94 7.55
N LEU C 27 35.97 -13.61 7.69
CA LEU C 27 36.22 -12.78 6.52
C LEU C 27 37.43 -13.20 5.68
N HIS C 28 38.55 -13.54 6.33
CA HIS C 28 39.74 -13.98 5.63
C HIS C 28 39.48 -15.23 4.77
N ALA C 29 38.51 -16.04 5.16
CA ALA C 29 38.27 -17.27 4.43
C ALA C 29 37.25 -17.10 3.32
N SER C 30 36.56 -15.97 3.32
CA SER C 30 35.30 -15.91 2.57
C SER C 30 35.09 -14.61 1.81
N ILE C 31 36.15 -13.80 1.71
CA ILE C 31 36.01 -12.45 1.13
C ILE C 31 35.28 -12.44 -0.23
N ARG C 32 35.53 -13.46 -1.06
N ARG C 32 35.54 -13.43 -1.07
CA ARG C 32 34.96 -13.58 -2.40
CA ARG C 32 34.90 -13.49 -2.40
C ARG C 32 33.68 -14.43 -2.47
C ARG C 32 33.50 -14.12 -2.37
N ASP C 33 33.19 -14.86 -1.30
CA ASP C 33 31.87 -15.55 -1.18
C ASP C 33 30.91 -14.53 -0.62
N THR C 34 30.21 -13.84 -1.52
CA THR C 34 29.61 -12.57 -1.11
C THR C 34 28.39 -12.73 -0.18
N GLY C 35 27.74 -13.87 -0.23
CA GLY C 35 26.63 -14.15 0.72
C GLY C 35 27.13 -14.20 2.16
N VAL C 36 28.35 -14.72 2.32
CA VAL C 36 28.97 -14.80 3.65
C VAL C 36 29.61 -13.46 4.00
N SER C 37 30.49 -12.99 3.12
CA SER C 37 31.26 -11.79 3.43
C SER C 37 30.36 -10.53 3.62
N SER C 38 29.28 -10.37 2.84
CA SER C 38 28.39 -9.20 3.04
C SER C 38 27.73 -9.22 4.44
N ARG C 39 27.36 -10.41 4.90
CA ARG C 39 26.75 -10.55 6.22
C ARG C 39 27.78 -10.26 7.33
N ILE C 40 28.98 -10.83 7.21
CA ILE C 40 30.07 -10.53 8.15
C ILE C 40 30.43 -9.04 8.19
N GLU C 41 30.51 -8.40 7.02
CA GLU C 41 30.79 -6.96 6.98
C GLU C 41 29.74 -6.16 7.68
N PHE C 42 28.48 -6.54 7.48
CA PHE C 42 27.38 -5.88 8.21
C PHE C 42 27.48 -6.02 9.73
N VAL C 43 27.80 -7.20 10.21
CA VAL C 43 27.92 -7.43 11.64
C VAL C 43 29.11 -6.64 12.18
N ARG C 44 30.22 -6.68 11.44
CA ARG C 44 31.44 -6.02 11.87
C ARG C 44 31.22 -4.53 11.99
N ARG C 45 30.62 -3.96 10.95
CA ARG C 45 30.35 -2.54 10.89
C ARG C 45 29.41 -2.12 12.04
N THR C 46 28.36 -2.91 12.28
CA THR C 46 27.45 -2.61 13.38
C THR C 46 28.12 -2.56 14.74
N LEU C 47 28.89 -3.60 15.05
CA LEU C 47 29.52 -3.70 16.34
C LEU C 47 30.62 -2.65 16.52
N HIS C 48 31.31 -2.35 15.44
CA HIS C 48 32.31 -1.27 15.42
C HIS C 48 31.65 0.05 15.86
N GLY C 49 30.41 0.27 15.41
CA GLY C 49 29.57 1.36 15.94
C GLY C 49 29.17 1.24 17.39
N TRP C 50 28.64 0.08 17.77
CA TRP C 50 28.23 -0.15 19.17
C TRP C 50 29.36 0.08 20.17
N VAL C 51 30.54 -0.51 19.91
CA VAL C 51 31.64 -0.40 20.88
C VAL C 51 32.07 1.06 21.18
N ARG C 52 32.06 1.89 20.13
CA ARG C 52 32.41 3.31 20.28
C ARG C 52 31.38 4.00 21.18
N GLU C 53 30.13 3.56 21.07
CA GLU C 53 29.05 4.11 21.88
C GLU C 53 29.16 3.61 23.31
N GLU C 54 29.61 2.37 23.50
CA GLU C 54 29.71 1.76 24.86
C GLU C 54 30.83 2.31 25.75
N TYR C 55 31.91 2.79 25.13
CA TYR C 55 33.08 3.23 25.86
C TYR C 55 33.45 4.67 25.55
N SER C 56 33.92 5.37 26.57
CA SER C 56 34.43 6.71 26.39
C SER C 56 35.79 6.69 25.65
N GLU C 57 36.20 7.84 25.13
CA GLU C 57 37.51 7.99 24.50
C GLU C 57 38.63 7.74 25.53
N THR C 58 38.34 7.99 26.80
CA THR C 58 39.25 7.68 27.90
C THR C 58 39.42 6.17 28.08
N GLU C 59 38.30 5.45 28.20
CA GLU C 59 38.30 4.00 28.34
C GLU C 59 38.80 3.30 27.07
N LEU C 60 38.47 3.85 25.91
CA LEU C 60 38.85 3.26 24.64
C LEU C 60 39.31 4.35 23.67
N PRO C 61 40.62 4.64 23.65
CA PRO C 61 41.16 5.71 22.79
C PRO C 61 41.03 5.38 21.33
N ASN C 62 40.96 6.39 20.50
CA ASN C 62 40.82 6.15 19.06
C ASN C 62 41.82 5.09 18.54
N ALA C 63 43.10 5.24 18.90
CA ALA C 63 44.17 4.33 18.47
C ALA C 63 43.83 2.86 18.72
N VAL C 64 43.27 2.57 19.90
CA VAL C 64 42.87 1.21 20.25
C VAL C 64 41.57 0.81 19.55
N TYR C 65 40.59 1.71 19.60
CA TYR C 65 39.32 1.55 18.92
C TYR C 65 39.50 1.07 17.48
N ARG C 66 40.35 1.75 16.72
CA ARG C 66 40.42 1.53 15.26
C ARG C 66 40.70 0.09 14.85
N ASN C 67 41.37 -0.68 15.71
CA ASN C 67 41.77 -2.05 15.36
C ASN C 67 41.09 -3.16 16.12
N LEU C 68 40.12 -2.81 16.97
CA LEU C 68 39.31 -3.82 17.64
C LEU C 68 38.49 -4.68 16.68
N TYR C 69 37.71 -4.04 15.79
CA TYR C 69 36.93 -4.79 14.79
C TYR C 69 37.65 -4.89 13.44
N PHE C 70 38.84 -4.29 13.37
CA PHE C 70 39.70 -4.36 12.18
C PHE C 70 41.11 -4.79 12.54
N PRO C 71 41.25 -5.98 13.21
CA PRO C 71 42.58 -6.39 13.61
C PRO C 71 43.41 -6.87 12.44
N VAL C 72 44.71 -6.86 12.61
CA VAL C 72 45.58 -7.48 11.64
C VAL C 72 45.96 -8.88 12.14
N LEU C 73 45.46 -9.91 11.47
CA LEU C 73 45.70 -11.29 11.92
C LEU C 73 47.09 -11.78 11.52
N ASP C 74 47.70 -12.65 12.33
CA ASP C 74 48.95 -13.29 11.93
C ASP C 74 48.69 -14.23 10.74
N ALA C 75 49.71 -14.51 9.93
CA ALA C 75 49.58 -15.62 8.99
C ALA C 75 49.59 -16.87 9.87
N GLN C 76 48.41 -17.47 10.04
CA GLN C 76 48.22 -18.59 10.96
C GLN C 76 47.54 -19.76 10.26
N HIS C 79 46.10 -20.90 6.39
CA HIS C 79 44.84 -21.42 5.84
C HIS C 79 44.77 -21.37 4.31
N ALA C 80 43.60 -21.05 3.76
CA ALA C 80 43.40 -21.02 2.30
C ALA C 80 43.37 -19.59 1.82
N GLY C 81 43.91 -19.35 0.64
CA GLY C 81 44.05 -17.99 0.14
C GLY C 81 43.07 -17.56 -0.92
N SER C 82 42.18 -18.45 -1.36
CA SER C 82 41.40 -18.15 -2.57
C SER C 82 40.31 -17.11 -2.33
N GLY C 83 39.93 -16.90 -1.07
CA GLY C 83 38.82 -16.01 -0.75
C GLY C 83 37.44 -16.68 -0.89
N LYS C 84 37.45 -17.96 -1.25
CA LYS C 84 36.23 -18.76 -1.35
C LYS C 84 36.35 -19.97 -0.44
N ILE C 85 35.21 -20.41 0.10
CA ILE C 85 35.14 -21.58 0.98
C ILE C 85 35.03 -22.82 0.11
N GLU C 86 36.07 -23.66 0.15
CA GLU C 86 36.21 -24.77 -0.81
C GLU C 86 36.33 -26.16 -0.20
N THR C 87 36.40 -26.25 1.12
CA THR C 87 36.56 -27.56 1.78
C THR C 87 35.56 -27.76 2.93
N ILE C 88 35.26 -29.01 3.23
CA ILE C 88 34.41 -29.36 4.36
C ILE C 88 35.03 -28.91 5.66
N SER C 89 36.34 -29.09 5.76
CA SER C 89 37.09 -28.65 6.93
C SER C 89 36.90 -27.15 7.20
N GLU C 90 36.96 -26.32 6.15
CA GLU C 90 36.67 -24.90 6.29
C GLU C 90 35.23 -24.58 6.68
N CYS C 91 34.26 -25.24 6.07
CA CYS C 91 32.84 -25.08 6.50
C CYS C 91 32.69 -25.34 8.00
N ASP C 92 33.23 -26.46 8.46
CA ASP C 92 33.18 -26.82 9.90
C ASP C 92 33.85 -25.77 10.78
N ARG C 93 35.02 -25.29 10.35
CA ARG C 93 35.77 -24.31 11.15
C ARG C 93 35.01 -22.99 11.27
N LEU C 94 34.49 -22.50 10.14
CA LEU C 94 33.74 -21.27 10.10
C LEU C 94 32.42 -21.40 10.86
N LYS C 95 31.78 -22.55 10.75
CA LYS C 95 30.56 -22.79 11.49
C LYS C 95 30.77 -22.61 13.01
N ASN C 96 31.91 -23.09 13.51
CA ASN C 96 32.20 -22.92 14.95
C ASN C 96 32.51 -21.49 15.33
N LEU C 97 33.15 -20.74 14.43
CA LEU C 97 33.39 -19.31 14.66
C LEU C 97 32.08 -18.50 14.69
N VAL C 98 31.18 -18.79 13.78
CA VAL C 98 29.88 -18.14 13.78
C VAL C 98 29.13 -18.46 15.07
N ARG C 99 29.24 -19.71 15.53
CA ARG C 99 28.59 -20.11 16.79
C ARG C 99 29.16 -19.33 17.96
N ASN C 100 30.49 -19.16 17.99
CA ASN C 100 31.11 -18.34 19.03
C ASN C 100 30.54 -16.92 19.06
N VAL C 101 30.47 -16.28 17.90
CA VAL C 101 29.90 -14.92 17.84
C VAL C 101 28.45 -14.88 18.28
N THR C 102 27.62 -15.77 17.73
CA THR C 102 26.20 -15.85 18.12
C THR C 102 26.00 -16.01 19.65
N ASP C 103 26.71 -16.96 20.25
CA ASP C 103 26.60 -17.19 21.69
C ASP C 103 27.00 -15.97 22.48
N THR C 104 28.06 -15.28 22.05
CA THR C 104 28.55 -14.08 22.71
C THR C 104 27.49 -12.97 22.69
N LEU C 105 26.85 -12.78 21.54
CA LEU C 105 25.83 -11.74 21.39
C LEU C 105 24.60 -12.06 22.23
N VAL C 106 24.19 -13.33 22.22
CA VAL C 106 23.06 -13.75 23.07
C VAL C 106 23.35 -13.54 24.55
N GLU C 107 24.58 -13.83 24.99
CA GLU C 107 24.94 -13.65 26.41
C GLU C 107 24.97 -12.19 26.82
N ASN C 108 25.43 -11.31 25.93
CA ASN C 108 25.76 -9.94 26.30
C ASN C 108 24.72 -8.86 26.02
N TYR C 109 23.77 -9.13 25.12
CA TYR C 109 22.77 -8.13 24.79
C TYR C 109 21.38 -8.69 24.95
N PRO C 110 20.44 -7.87 25.44
CA PRO C 110 19.08 -8.35 25.62
C PRO C 110 18.41 -8.58 24.26
N GLN C 111 17.39 -9.41 24.26
CA GLN C 111 16.62 -9.71 23.07
C GLN C 111 15.93 -8.42 22.61
N GLY C 112 15.95 -8.17 21.31
CA GLY C 112 15.29 -6.98 20.76
C GLY C 112 15.68 -6.89 19.30
N LEU C 113 15.14 -5.90 18.59
CA LEU C 113 15.37 -5.80 17.14
C LEU C 113 16.81 -5.51 16.78
N GLU C 114 17.48 -4.75 17.64
CA GLU C 114 18.86 -4.37 17.32
C GLU C 114 19.79 -5.59 17.29
N SER C 115 19.73 -6.44 18.31
CA SER C 115 20.58 -7.65 18.30
C SER C 115 20.02 -8.71 17.34
N GLU C 116 18.69 -8.75 17.19
CA GLU C 116 18.06 -9.70 16.28
C GLU C 116 18.62 -9.55 14.86
N ALA C 117 18.83 -8.31 14.41
CA ALA C 117 19.41 -8.10 13.07
C ALA C 117 20.76 -8.81 12.89
N LEU C 118 21.63 -8.72 13.89
CA LEU C 118 22.92 -9.42 13.86
C LEU C 118 22.79 -10.92 13.95
N LEU C 119 21.90 -11.40 14.85
CA LEU C 119 21.64 -12.86 14.95
C LEU C 119 21.09 -13.47 13.64
N ILE C 120 20.18 -12.76 12.97
CA ILE C 120 19.72 -13.20 11.66
C ILE C 120 20.87 -13.25 10.64
N ALA C 121 21.65 -12.16 10.56
CA ALA C 121 22.75 -12.12 9.59
C ALA C 121 23.70 -13.27 9.87
N LEU C 122 24.01 -13.53 11.14
CA LEU C 122 24.90 -14.68 11.45
C LEU C 122 24.31 -16.02 11.07
N ASP C 123 23.03 -16.19 11.32
CA ASP C 123 22.32 -17.38 10.86
C ASP C 123 22.36 -17.53 9.35
N GLY C 124 22.24 -16.42 8.63
CA GLY C 124 22.42 -16.41 7.16
C GLY C 124 23.80 -16.91 6.75
N VAL C 125 24.82 -16.53 7.53
CA VAL C 125 26.15 -17.13 7.31
C VAL C 125 26.09 -18.67 7.45
N LYS C 126 25.43 -19.15 8.51
CA LYS C 126 25.28 -20.61 8.65
C LYS C 126 24.53 -21.27 7.49
N LEU C 127 23.46 -20.62 7.00
CA LEU C 127 22.76 -21.11 5.79
C LEU C 127 23.69 -21.24 4.58
N GLU C 128 24.51 -20.23 4.33
CA GLU C 128 25.47 -20.30 3.23
C GLU C 128 26.49 -21.43 3.42
N LEU C 129 27.02 -21.54 4.64
CA LEU C 129 27.97 -22.60 4.93
C LEU C 129 27.35 -23.97 4.63
N ALA C 130 26.09 -24.14 5.04
CA ALA C 130 25.39 -25.41 4.83
C ALA C 130 25.24 -25.69 3.34
N ARG C 131 24.88 -24.65 2.59
CA ARG C 131 24.72 -24.82 1.15
C ARG C 131 26.05 -25.21 0.51
N ILE C 132 27.09 -24.46 0.86
CA ILE C 132 28.45 -24.73 0.34
C ILE C 132 28.89 -26.14 0.67
N ARG C 133 28.69 -26.56 1.93
CA ARG C 133 29.09 -27.91 2.35
C ARG C 133 28.37 -29.02 1.57
N LYS C 134 27.07 -28.86 1.38
CA LYS C 134 26.29 -29.89 0.67
C LYS C 134 26.80 -30.06 -0.77
N ASP C 135 27.11 -28.93 -1.41
CA ASP C 135 27.64 -28.91 -2.75
C ASP C 135 28.97 -29.67 -2.84
N ILE C 136 29.88 -29.42 -1.89
CA ILE C 136 31.12 -30.20 -1.81
C ILE C 136 30.89 -31.71 -1.53
N GLU C 137 29.99 -32.04 -0.60
CA GLU C 137 29.63 -33.43 -0.31
C GLU C 137 29.13 -34.15 -1.54
N MSE C 138 28.22 -33.49 -2.29
CA MSE C 138 27.63 -34.04 -3.50
C MSE C 138 28.61 -34.12 -4.68
O MSE C 138 28.56 -35.06 -5.46
CB MSE C 138 26.44 -33.21 -3.97
CG MSE C 138 25.19 -33.20 -3.12
SE MSE C 138 23.85 -32.05 -4.00
CE MSE C 138 23.46 -33.21 -5.53
N TYR C 139 29.48 -33.12 -4.80
CA TYR C 139 30.24 -32.97 -6.05
C TYR C 139 31.75 -33.07 -5.95
N GLY C 140 32.29 -32.88 -4.75
CA GLY C 140 33.74 -32.98 -4.51
C GLY C 140 34.50 -31.66 -4.57
N ASP C 141 35.83 -31.79 -4.63
CA ASP C 141 36.75 -30.64 -4.61
C ASP C 141 36.52 -29.64 -5.76
N PRO D 7 15.97 5.55 9.46
CA PRO D 7 15.42 5.47 8.09
C PRO D 7 14.93 6.85 7.55
N ALA D 8 15.81 7.59 6.87
CA ALA D 8 15.50 8.98 6.42
C ALA D 8 14.35 9.07 5.42
N GLY D 9 14.23 8.05 4.56
CA GLY D 9 13.15 7.95 3.57
C GLY D 9 11.79 7.68 4.20
N ARG D 10 10.81 7.39 3.34
CA ARG D 10 9.46 7.01 3.80
C ARG D 10 8.71 6.39 2.64
N MSE D 11 7.58 5.75 2.93
CA MSE D 11 6.75 5.22 1.84
C MSE D 11 5.33 5.70 2.02
O MSE D 11 4.90 5.89 3.17
CB MSE D 11 6.75 3.66 1.84
CG MSE D 11 8.09 3.02 1.91
SE MSE D 11 7.90 1.12 1.52
CE MSE D 11 7.70 0.32 3.26
N PRO D 12 4.57 5.87 0.91
CA PRO D 12 3.15 6.13 1.05
C PRO D 12 2.46 5.02 1.83
N LEU D 13 1.41 5.38 2.57
CA LEU D 13 0.62 4.39 3.35
C LEU D 13 0.12 3.24 2.48
N THR D 14 -0.33 3.55 1.25
CA THR D 14 -0.78 2.48 0.32
C THR D 14 0.33 1.49 -0.02
N VAL D 15 1.57 1.98 -0.05
CA VAL D 15 2.71 1.14 -0.38
C VAL D 15 3.11 0.29 0.84
N HIS D 16 3.14 0.89 2.03
CA HIS D 16 3.28 0.10 3.29
C HIS D 16 2.21 -0.99 3.35
N ARG D 17 1.00 -0.66 2.89
CA ARG D 17 -0.12 -1.61 2.96
C ARG D 17 0.15 -2.81 2.01
N ASN D 18 0.65 -2.53 0.82
CA ASN D 18 1.06 -3.61 -0.09
C ASN D 18 2.17 -4.46 0.53
N VAL D 19 3.15 -3.82 1.16
CA VAL D 19 4.33 -4.53 1.73
C VAL D 19 3.81 -5.39 2.90
N GLY D 20 2.94 -4.83 3.72
CA GLY D 20 2.31 -5.61 4.82
C GLY D 20 1.66 -6.87 4.28
N ARG D 21 0.95 -6.73 3.16
CA ARG D 21 0.20 -7.84 2.59
C ARG D 21 1.14 -8.89 2.02
N TRP D 22 2.17 -8.44 1.29
CA TRP D 22 3.15 -9.39 0.73
C TRP D 22 3.83 -10.19 1.85
N LEU D 23 4.24 -9.49 2.90
CA LEU D 23 4.84 -10.18 4.05
C LEU D 23 3.85 -11.17 4.69
N SER D 24 2.59 -10.76 4.83
CA SER D 24 1.60 -11.67 5.39
C SER D 24 1.37 -12.88 4.49
N GLU D 25 1.35 -12.68 3.18
CA GLU D 25 1.20 -13.81 2.24
C GLU D 25 2.34 -14.81 2.39
N ILE D 26 3.56 -14.30 2.51
CA ILE D 26 4.71 -15.17 2.74
C ILE D 26 4.55 -15.96 4.05
N LEU D 27 4.21 -15.25 5.13
CA LEU D 27 4.04 -15.90 6.42
C LEU D 27 2.96 -16.99 6.47
N HIS D 28 1.83 -16.74 5.82
CA HIS D 28 0.75 -17.73 5.70
C HIS D 28 1.19 -19.04 5.00
N ALA D 29 2.15 -18.97 4.10
CA ALA D 29 2.70 -20.16 3.45
C ALA D 29 3.83 -20.86 4.21
N SER D 30 4.36 -20.23 5.27
CA SER D 30 5.64 -20.66 5.79
C SER D 30 5.75 -20.61 7.30
N ILE D 31 4.62 -20.46 8.01
CA ILE D 31 4.64 -20.25 9.46
C ILE D 31 5.52 -21.29 10.19
N ARG D 32 5.47 -22.55 9.74
CA ARG D 32 6.27 -23.62 10.36
C ARG D 32 7.69 -23.80 9.80
N ASP D 33 8.05 -23.06 8.76
CA ASP D 33 9.43 -23.05 8.21
C ASP D 33 10.15 -21.88 8.88
N THR D 34 10.80 -22.17 9.99
CA THR D 34 11.20 -21.08 10.88
C THR D 34 12.32 -20.21 10.36
N GLY D 35 13.12 -20.71 9.41
CA GLY D 35 14.16 -19.89 8.78
C GLY D 35 13.50 -18.77 7.98
N VAL D 36 12.36 -19.10 7.36
CA VAL D 36 11.61 -18.08 6.62
C VAL D 36 10.77 -17.20 7.54
N SER D 37 9.97 -17.83 8.40
CA SER D 37 9.03 -17.07 9.18
C SER D 37 9.74 -16.13 10.18
N SER D 38 10.85 -16.54 10.79
CA SER D 38 11.54 -15.66 11.75
C SER D 38 12.05 -14.39 11.06
N ARG D 39 12.54 -14.56 9.84
CA ARG D 39 13.03 -13.43 9.04
C ARG D 39 11.88 -12.49 8.62
N ILE D 40 10.80 -13.06 8.13
CA ILE D 40 9.60 -12.27 7.81
C ILE D 40 9.04 -11.54 9.04
N GLU D 41 8.97 -12.23 10.19
CA GLU D 41 8.52 -11.55 11.42
C GLU D 41 9.41 -10.35 11.81
N PHE D 42 10.71 -10.53 11.65
CA PHE D 42 11.67 -9.45 11.92
C PHE D 42 11.41 -8.24 11.02
N VAL D 43 11.17 -8.51 9.74
CA VAL D 43 10.95 -7.44 8.75
C VAL D 43 9.64 -6.75 9.04
N ARG D 44 8.61 -7.56 9.30
CA ARG D 44 7.28 -6.99 9.56
C ARG D 44 7.32 -6.12 10.83
N ARG D 45 7.96 -6.61 11.90
CA ARG D 45 8.06 -5.84 13.17
C ARG D 45 8.85 -4.56 12.98
N THR D 46 9.92 -4.60 12.18
CA THR D 46 10.69 -3.40 11.93
C THR D 46 9.85 -2.31 11.23
N LEU D 47 9.17 -2.72 10.17
CA LEU D 47 8.43 -1.74 9.35
C LEU D 47 7.21 -1.23 10.08
N HIS D 48 6.62 -2.08 10.92
CA HIS D 48 5.52 -1.66 11.80
C HIS D 48 5.96 -0.50 12.70
N GLY D 49 7.18 -0.57 13.20
CA GLY D 49 7.79 0.52 13.97
C GLY D 49 8.06 1.76 13.11
N TRP D 50 8.65 1.57 11.93
CA TRP D 50 8.95 2.67 11.01
C TRP D 50 7.71 3.43 10.57
N VAL D 51 6.66 2.72 10.16
CA VAL D 51 5.47 3.44 9.68
C VAL D 51 4.88 4.35 10.77
N ARG D 52 4.85 3.90 12.04
CA ARG D 52 4.29 4.72 13.13
C ARG D 52 5.03 6.06 13.24
N GLU D 53 6.34 6.03 12.97
CA GLU D 53 7.19 7.24 12.99
C GLU D 53 7.02 8.13 11.78
N GLU D 54 6.65 7.56 10.63
CA GLU D 54 6.49 8.32 9.40
C GLU D 54 5.21 9.14 9.34
N TYR D 55 4.21 8.74 10.11
CA TYR D 55 2.89 9.35 10.03
C TYR D 55 2.36 9.77 11.39
N SER D 56 1.74 10.95 11.42
CA SER D 56 1.04 11.43 12.61
C SER D 56 -0.18 10.55 12.94
N GLU D 57 -0.67 10.71 14.17
CA GLU D 57 -1.94 10.12 14.60
C GLU D 57 -3.12 10.60 13.74
N THR D 58 -3.04 11.82 13.23
CA THR D 58 -4.03 12.36 12.27
C THR D 58 -3.99 11.69 10.89
N GLU D 59 -2.80 11.58 10.30
CA GLU D 59 -2.61 10.92 9.00
C GLU D 59 -2.84 9.41 9.09
N LEU D 60 -2.57 8.84 10.27
CA LEU D 60 -2.69 7.38 10.47
C LEU D 60 -3.17 7.02 11.88
N PRO D 61 -4.50 6.93 12.08
CA PRO D 61 -5.04 6.62 13.41
C PRO D 61 -4.61 5.23 13.88
N ASN D 62 -4.46 5.11 15.20
CA ASN D 62 -4.14 3.84 15.80
C ASN D 62 -4.95 2.67 15.22
N ALA D 63 -6.27 2.84 15.01
CA ALA D 63 -7.11 1.72 14.49
C ALA D 63 -6.69 1.22 13.11
N VAL D 64 -6.19 2.15 12.28
CA VAL D 64 -5.77 1.82 10.94
C VAL D 64 -4.36 1.28 11.04
N TYR D 65 -3.54 1.94 11.85
CA TYR D 65 -2.16 1.52 12.01
C TYR D 65 -2.05 0.04 12.43
N ARG D 66 -2.88 -0.40 13.37
CA ARG D 66 -2.76 -1.76 13.95
C ARG D 66 -2.83 -2.83 12.88
N ASN D 67 -3.55 -2.58 11.81
CA ASN D 67 -3.74 -3.62 10.78
C ASN D 67 -3.02 -3.44 9.48
N LEU D 68 -2.11 -2.48 9.45
CA LEU D 68 -1.33 -2.23 8.24
C LEU D 68 -0.30 -3.32 8.02
N TYR D 69 0.53 -3.60 9.02
CA TYR D 69 1.45 -4.73 8.96
C TYR D 69 0.90 -6.03 9.56
N PHE D 70 -0.32 -5.95 10.12
CA PHE D 70 -0.99 -7.13 10.65
C PHE D 70 -2.37 -7.29 10.04
N PRO D 71 -2.43 -7.45 8.70
CA PRO D 71 -3.68 -7.56 7.99
C PRO D 71 -4.31 -8.92 8.27
N VAL D 72 -5.62 -9.01 8.08
CA VAL D 72 -6.33 -10.26 8.07
C VAL D 72 -6.63 -10.60 6.61
N LEU D 73 -5.91 -11.56 6.05
CA LEU D 73 -5.95 -11.79 4.59
C LEU D 73 -7.29 -12.33 4.12
N ASP D 74 -7.94 -11.57 3.23
CA ASP D 74 -9.16 -12.01 2.54
C ASP D 74 -8.68 -13.10 1.59
N ALA D 75 -8.28 -14.19 2.23
CA ALA D 75 -7.65 -15.33 1.62
C ALA D 75 -8.54 -16.49 2.08
N GLN D 76 -8.46 -17.67 1.46
CA GLN D 76 -7.50 -18.03 0.44
C GLN D 76 -7.34 -17.01 -0.68
N ALA D 80 -3.13 -23.76 0.16
CA ALA D 80 -2.62 -24.89 0.95
C ALA D 80 -2.05 -24.41 2.30
N GLY D 81 -2.32 -25.17 3.35
CA GLY D 81 -2.16 -24.65 4.72
C GLY D 81 -1.46 -25.56 5.70
N SER D 82 -0.41 -26.25 5.25
CA SER D 82 0.38 -27.04 6.19
C SER D 82 1.30 -26.15 7.04
N GLY D 83 1.55 -24.94 6.54
CA GLY D 83 2.51 -23.99 7.12
C GLY D 83 3.96 -24.29 6.79
N LYS D 84 4.20 -25.24 5.88
CA LYS D 84 5.56 -25.52 5.35
C LYS D 84 5.53 -25.38 3.82
N ILE D 85 6.65 -24.95 3.25
CA ILE D 85 6.76 -24.76 1.82
C ILE D 85 7.10 -26.13 1.23
N GLU D 86 6.21 -26.64 0.41
CA GLU D 86 6.34 -28.01 -0.05
C GLU D 86 6.30 -28.20 -1.56
N THR D 87 6.05 -27.13 -2.32
CA THR D 87 6.05 -27.27 -3.79
C THR D 87 6.95 -26.26 -4.49
N ILE D 88 7.40 -26.58 -5.70
CA ILE D 88 8.21 -25.64 -6.50
C ILE D 88 7.42 -24.41 -6.78
N SER D 89 6.14 -24.62 -7.09
CA SER D 89 5.24 -23.54 -7.41
C SER D 89 5.17 -22.52 -6.25
N GLU D 90 5.07 -23.01 -5.03
CA GLU D 90 5.13 -22.11 -3.87
C GLU D 90 6.48 -21.44 -3.67
N CYS D 91 7.58 -22.14 -3.95
CA CYS D 91 8.89 -21.50 -3.88
C CYS D 91 8.94 -20.33 -4.84
N ASP D 92 8.40 -20.53 -6.06
CA ASP D 92 8.37 -19.52 -7.11
C ASP D 92 7.53 -18.34 -6.69
N ARG D 93 6.34 -18.63 -6.17
CA ARG D 93 5.44 -17.57 -5.76
C ARG D 93 6.09 -16.75 -4.64
N LEU D 94 6.66 -17.44 -3.67
CA LEU D 94 7.24 -16.72 -2.53
C LEU D 94 8.47 -15.90 -2.92
N LYS D 95 9.27 -16.44 -3.84
CA LYS D 95 10.48 -15.75 -4.29
C LYS D 95 10.08 -14.41 -4.90
N ASN D 96 9.00 -14.45 -5.65
CA ASN D 96 8.49 -13.27 -6.26
C ASN D 96 7.90 -12.24 -5.26
N LEU D 97 7.21 -12.73 -4.23
CA LEU D 97 6.71 -11.82 -3.19
C LEU D 97 7.88 -11.15 -2.49
N VAL D 98 8.94 -11.91 -2.22
CA VAL D 98 10.15 -11.32 -1.68
C VAL D 98 10.73 -10.25 -2.57
N ARG D 99 10.74 -10.50 -3.87
CA ARG D 99 11.22 -9.49 -4.83
C ARG D 99 10.38 -8.22 -4.78
N ASN D 100 9.07 -8.37 -4.67
CA ASN D 100 8.20 -7.19 -4.56
C ASN D 100 8.63 -6.32 -3.36
N VAL D 101 8.85 -7.00 -2.23
CA VAL D 101 9.22 -6.27 -1.01
C VAL D 101 10.60 -5.62 -1.14
N THR D 102 11.57 -6.38 -1.62
N THR D 102 11.59 -6.37 -1.62
CA THR D 102 12.92 -5.85 -1.78
CA THR D 102 12.93 -5.79 -1.75
C THR D 102 12.98 -4.66 -2.76
C THR D 102 12.99 -4.65 -2.77
N ASP D 103 12.26 -4.77 -3.88
CA ASP D 103 12.22 -3.69 -4.89
C ASP D 103 11.65 -2.41 -4.25
N THR D 104 10.61 -2.57 -3.44
CA THR D 104 9.95 -1.46 -2.77
C THR D 104 10.84 -0.76 -1.75
N LEU D 105 11.49 -1.52 -0.89
CA LEU D 105 12.41 -0.96 0.09
C LEU D 105 13.62 -0.28 -0.56
N VAL D 106 14.16 -0.86 -1.63
CA VAL D 106 15.28 -0.21 -2.33
C VAL D 106 14.85 1.12 -3.02
N GLU D 107 13.65 1.15 -3.57
CA GLU D 107 13.14 2.37 -4.23
C GLU D 107 12.93 3.50 -3.21
N ASN D 108 12.50 3.13 -2.00
CA ASN D 108 11.96 4.09 -1.06
C ASN D 108 12.88 4.56 0.05
N TYR D 109 13.88 3.76 0.40
CA TYR D 109 14.77 4.09 1.51
C TYR D 109 16.23 4.16 1.08
N PRO D 110 17.01 5.12 1.61
CA PRO D 110 18.41 5.21 1.22
C PRO D 110 19.22 4.03 1.73
N GLN D 111 20.33 3.76 1.06
CA GLN D 111 21.31 2.79 1.55
C GLN D 111 21.78 3.19 2.95
N GLY D 112 21.73 2.27 3.89
CA GLY D 112 22.35 2.49 5.21
C GLY D 112 22.21 1.23 6.02
N LEU D 113 22.77 1.21 7.24
CA LEU D 113 22.65 0.01 8.10
C LEU D 113 21.20 -0.42 8.41
N GLU D 114 20.30 0.57 8.57
CA GLU D 114 18.88 0.28 8.90
C GLU D 114 18.18 -0.54 7.83
N SER D 115 18.24 -0.05 6.60
CA SER D 115 17.63 -0.80 5.52
C SER D 115 18.47 -2.04 5.19
N GLU D 116 19.79 -1.99 5.39
CA GLU D 116 20.60 -3.18 5.07
C GLU D 116 20.14 -4.39 5.90
N ALA D 117 19.78 -4.16 7.17
CA ALA D 117 19.32 -5.28 8.01
C ALA D 117 18.12 -6.01 7.38
N LEU D 118 17.16 -5.21 6.87
CA LEU D 118 16.00 -5.76 6.18
C LEU D 118 16.36 -6.46 4.87
N LEU D 119 17.25 -5.88 4.09
CA LEU D 119 17.62 -6.49 2.82
C LEU D 119 18.37 -7.78 3.02
N ILE D 120 19.19 -7.85 4.08
CA ILE D 120 19.83 -9.12 4.46
C ILE D 120 18.82 -10.20 4.85
N ALA D 121 17.90 -9.85 5.74
CA ALA D 121 16.86 -10.81 6.20
C ALA D 121 16.05 -11.33 4.99
N LEU D 122 15.72 -10.42 4.07
CA LEU D 122 14.97 -10.82 2.87
C LEU D 122 15.80 -11.71 1.95
N ASP D 123 17.10 -11.44 1.86
CA ASP D 123 17.99 -12.31 1.09
C ASP D 123 18.08 -13.71 1.75
N GLY D 124 18.11 -13.77 3.08
CA GLY D 124 18.10 -15.05 3.82
C GLY D 124 16.79 -15.84 3.55
N VAL D 125 15.65 -15.16 3.39
CA VAL D 125 14.46 -15.89 2.96
C VAL D 125 14.67 -16.54 1.58
N LYS D 126 15.29 -15.79 0.65
CA LYS D 126 15.67 -16.38 -0.64
C LYS D 126 16.63 -17.57 -0.51
N LEU D 127 17.59 -17.48 0.42
CA LEU D 127 18.50 -18.59 0.66
C LEU D 127 17.72 -19.84 1.10
N GLU D 128 16.72 -19.62 1.94
CA GLU D 128 15.89 -20.70 2.44
C GLU D 128 15.01 -21.27 1.31
N LEU D 129 14.42 -20.40 0.51
CA LEU D 129 13.58 -20.84 -0.61
C LEU D 129 14.40 -21.69 -1.59
N ALA D 130 15.65 -21.28 -1.86
CA ALA D 130 16.57 -22.07 -2.71
C ALA D 130 16.91 -23.46 -2.17
N ARG D 131 17.12 -23.56 -0.85
CA ARG D 131 17.42 -24.83 -0.22
C ARG D 131 16.23 -25.80 -0.35
N ILE D 132 15.07 -25.30 0.03
CA ILE D 132 13.81 -26.03 -0.06
C ILE D 132 13.55 -26.46 -1.50
N ARG D 133 13.71 -25.55 -2.46
CA ARG D 133 13.50 -25.88 -3.87
C ARG D 133 14.40 -27.05 -4.33
N LYS D 134 15.69 -26.95 -4.00
CA LYS D 134 16.68 -27.95 -4.35
C LYS D 134 16.37 -29.32 -3.72
N ASP D 135 15.88 -29.33 -2.50
CA ASP D 135 15.39 -30.54 -1.83
C ASP D 135 14.19 -31.16 -2.54
N ILE D 136 13.22 -30.33 -2.94
CA ILE D 136 12.06 -30.80 -3.69
C ILE D 136 12.49 -31.40 -5.03
N GLU D 137 13.34 -30.69 -5.78
CA GLU D 137 13.87 -31.20 -7.05
C GLU D 137 14.59 -32.54 -6.89
N MSE D 138 15.31 -32.70 -5.78
CA MSE D 138 16.05 -33.94 -5.53
C MSE D 138 15.15 -35.11 -5.12
O MSE D 138 15.17 -36.15 -5.78
CB MSE D 138 17.16 -33.73 -4.50
CG MSE D 138 18.01 -34.98 -4.25
SE MSE D 138 19.92 -34.60 -4.24
CE MSE D 138 20.08 -33.66 -5.97
N TYR D 139 14.37 -34.91 -4.06
CA TYR D 139 13.59 -36.01 -3.43
C TYR D 139 12.07 -35.98 -3.69
N GLY D 140 11.61 -35.03 -4.51
CA GLY D 140 10.18 -34.93 -4.86
C GLY D 140 9.30 -34.37 -3.76
N ASP D 141 7.98 -34.49 -3.93
CA ASP D 141 6.98 -33.96 -2.98
C ASP D 141 7.09 -34.63 -1.61
N PRO D 142 7.24 -33.82 -0.54
CA PRO D 142 7.33 -34.32 0.85
C PRO D 142 6.30 -35.40 1.18
N ARG D 143 5.03 -35.14 0.84
CA ARG D 143 3.93 -36.07 1.08
C ARG D 143 4.04 -37.40 0.33
N LYS D 144 4.92 -37.43 -0.68
CA LYS D 144 5.14 -38.63 -1.48
C LYS D 144 6.62 -38.98 -1.55
CL CL E . -24.07 12.38 -8.97
CL CL F . 20.04 -13.85 6.55
#